data_6MXO
#
_entry.id   6MXO
#
_cell.length_a   98.560
_cell.length_b   98.560
_cell.length_c   81.713
_cell.angle_alpha   90.00
_cell.angle_beta   90.00
_cell.angle_gamma   120.00
#
_symmetry.space_group_name_H-M   'P 61'
#
loop_
_entity.id
_entity.type
_entity.pdbx_description
1 polymer 'DNA polymerase eta'
2 polymer "DNA (5'-D(*AP*CP*GP*GP*CP*TP*CP*AP*CP*AP*CP*T)-3')"
3 polymer "DNA (5'-D(*TP*AP*GP*TP*GP*TP*GP*AP*G)-3')"
4 non-polymer "2'-deoxy-5'-O-[(R)-hydroxy{[(R)-hydroxy(phosphonooxy)phosphoryl]amino}phosphoryl]cytidine"
5 non-polymer 'MAGNESIUM ION'
6 non-polymer GLYCEROL
7 non-polymer (cyclohex-1-ene-1,2-diamine)platinum(2+)
8 water water
#
loop_
_entity_poly.entity_id
_entity_poly.type
_entity_poly.pdbx_seq_one_letter_code
_entity_poly.pdbx_strand_id
1 'polypeptide(L)'
;MAHHHHHHGTGQDRVVALVDMDCFFVQVEQRQNPHLRNKPCAVVQYKSWKGGGIIAVSYEARAFGVTRSMWADDAKKLCP
DLLLAQVRESRGKANLTKYREASVEVMEIMSRFAVIERASIDEAYVDLTSAVQERLQKLQGQPISADLLPSTYIEGLPQG
PTTAEETVQKEGMRKQGLFQWLDSLQIDNLTSPDLQLTVGAVIVEEMRAAIERETGFQCSAGISHNKVLAKLACGLNKPN
RQTLVSHGSVPQLFSQMPIRKIRSLGGKLGASVIEILGIEYMGELTQFTESQLQSHFGEKNGSWLYAMCRGIEHDPVKPR
QLPKTIGCSKNFPGKTALATREQVQWWLLQLAQELEERLTKDRNDNDRVATQLVVSIRVQGDKRLSSLRRCCALTRYDAH
KMSHDAFTVIKNCNTSGIQTEWSPPLTMLFLCATKFSASAPS
;
A
2 'polydeoxyribonucleotide' (DA)(DC)(DG)(DG)(DC)(DT)(DC)(DA)(DC)(DA)(DC)(DT) T
3 'polydeoxyribonucleotide' (DT)(DA)(DG)(DT)(DG)(DT)(DG)(DA)(DG) P
#
loop_
_chem_comp.id
_chem_comp.type
_chem_comp.name
_chem_comp.formula
0KX non-polymer 2'-deoxy-5'-O-[(R)-hydroxy{[(R)-hydroxy(phosphonooxy)phosphoryl]amino}phosphoryl]cytidine 'C9 H17 N4 O12 P3'
9RD non-polymer (cyclohex-1-ene-1,2-diamine)platinum(2+) 'C6 H12 N2 Pt 2'
DA DNA linking 2'-DEOXYADENOSINE-5'-MONOPHOSPHATE 'C10 H14 N5 O6 P'
DC DNA linking 2'-DEOXYCYTIDINE-5'-MONOPHOSPHATE 'C9 H14 N3 O7 P'
DG DNA linking 2'-DEOXYGUANOSINE-5'-MONOPHOSPHATE 'C10 H14 N5 O7 P'
DT DNA linking THYMIDINE-5'-MONOPHOSPHATE 'C10 H15 N2 O8 P'
GOL non-polymer GLYCEROL 'C3 H8 O3'
MG non-polymer 'MAGNESIUM ION' 'Mg 2'
#
# COMPACT_ATOMS: atom_id res chain seq x y z
N GLY A 9 15.19 17.71 -15.16
CA GLY A 9 16.08 17.01 -14.20
C GLY A 9 16.28 17.78 -12.91
N THR A 10 15.40 18.74 -12.63
CA THR A 10 15.19 19.10 -11.24
C THR A 10 14.03 18.28 -10.72
N GLY A 11 13.68 17.22 -11.44
CA GLY A 11 12.68 16.28 -10.96
C GLY A 11 11.30 16.89 -10.82
N GLN A 12 10.97 17.69 -11.83
CA GLN A 12 9.77 18.48 -11.88
C GLN A 12 8.98 18.29 -13.20
N ASP A 13 9.28 17.22 -13.91
CA ASP A 13 8.69 16.88 -15.21
C ASP A 13 7.28 16.21 -15.20
N ARG A 14 6.90 15.61 -14.09
CA ARG A 14 5.66 14.85 -14.03
C ARG A 14 4.84 15.41 -12.87
N VAL A 15 3.55 15.13 -12.92
CA VAL A 15 2.65 15.26 -11.79
C VAL A 15 2.17 13.87 -11.47
N VAL A 16 2.42 13.45 -10.23
CA VAL A 16 2.10 12.08 -9.80
C VAL A 16 1.33 12.18 -8.53
N ALA A 17 0.26 11.39 -8.42
CA ALA A 17 -0.49 11.35 -7.17
C ALA A 17 -0.43 9.97 -6.59
N LEU A 18 -0.55 9.89 -5.28
CA LEU A 18 -0.76 8.61 -4.60
C LEU A 18 -2.03 8.80 -3.78
N VAL A 19 -3.04 7.94 -4.10
CA VAL A 19 -4.31 7.91 -3.39
C VAL A 19 -4.35 6.66 -2.51
N ASP A 20 -4.54 6.85 -1.19
CA ASP A 20 -4.67 5.78 -0.23
C ASP A 20 -5.91 5.82 0.67
N MET A 21 -6.68 4.73 0.68
CA MET A 21 -7.92 4.69 1.39
C MET A 21 -7.62 4.81 2.89
N ASP A 22 -8.49 5.55 3.57
CA ASP A 22 -8.42 5.69 5.02
C ASP A 22 -8.93 4.40 5.66
N CYS A 23 -8.18 3.94 6.68
CA CYS A 23 -8.45 2.74 7.48
C CYS A 23 -9.27 1.70 6.70
N PHE A 24 -8.72 1.30 5.57
CA PHE A 24 -9.57 0.71 4.50
C PHE A 24 -10.46 -0.45 4.90
N PHE A 25 -9.92 -1.50 5.55
CA PHE A 25 -10.75 -2.64 5.85
C PHE A 25 -11.86 -2.19 6.84
N VAL A 26 -11.57 -1.28 7.75
CA VAL A 26 -12.57 -0.78 8.66
C VAL A 26 -13.75 -0.11 7.89
N GLN A 27 -13.40 0.72 6.90
CA GLN A 27 -14.43 1.41 6.14
C GLN A 27 -15.28 0.44 5.35
N VAL A 28 -14.67 -0.60 4.79
CA VAL A 28 -15.46 -1.62 4.09
C VAL A 28 -16.56 -2.24 5.03
N GLU A 29 -16.15 -2.52 6.27
CA GLU A 29 -17.08 -3.09 7.24
C GLU A 29 -18.10 -2.10 7.79
N GLN A 30 -17.65 -0.84 7.89
CA GLN A 30 -18.55 0.24 8.36
C GLN A 30 -19.64 0.64 7.33
N ARG A 31 -19.24 0.60 6.07
CA ARG A 31 -20.21 0.77 5.04
C ARG A 31 -21.30 -0.28 5.12
N GLN A 32 -20.90 -1.56 5.24
CA GLN A 32 -21.83 -2.66 5.35
C GLN A 32 -22.62 -2.68 6.65
N ASN A 33 -22.00 -2.34 7.78
CA ASN A 33 -22.73 -2.32 9.03
C ASN A 33 -22.75 -0.91 9.65
N PRO A 34 -23.83 -0.16 9.41
CA PRO A 34 -23.89 1.24 9.87
C PRO A 34 -23.72 1.40 11.37
N HIS A 35 -23.98 0.36 12.18
CA HIS A 35 -23.74 0.46 13.61
C HIS A 35 -22.25 0.69 13.93
N LEU A 36 -21.29 0.40 13.03
CA LEU A 36 -19.89 0.64 13.33
C LEU A 36 -19.33 2.02 12.94
N ARG A 37 -20.11 2.80 12.18
CA ARG A 37 -19.68 4.06 11.67
C ARG A 37 -19.45 5.05 12.76
N ASN A 38 -18.40 5.85 12.60
CA ASN A 38 -18.06 6.94 13.52
C ASN A 38 -17.83 6.47 14.94
N LYS A 39 -17.25 5.29 15.06
CA LYS A 39 -16.93 4.66 16.32
C LYS A 39 -15.55 4.06 16.33
N PRO A 40 -14.94 3.91 17.53
CA PRO A 40 -13.77 3.10 17.69
C PRO A 40 -14.06 1.61 17.29
N CYS A 41 -13.40 1.15 16.22
CA CYS A 41 -13.73 -0.08 15.46
C CYS A 41 -12.38 -0.62 14.96
N ALA A 42 -12.17 -1.92 14.95
CA ALA A 42 -11.07 -2.61 14.32
C ALA A 42 -11.56 -3.82 13.60
N VAL A 43 -10.75 -4.23 12.62
CA VAL A 43 -10.94 -5.45 11.92
C VAL A 43 -9.92 -6.48 12.39
N VAL A 44 -10.40 -7.68 12.70
CA VAL A 44 -9.62 -8.79 13.30
C VAL A 44 -9.74 -10.03 12.45
N GLN A 45 -8.70 -10.87 12.47
CA GLN A 45 -8.82 -12.25 11.98
C GLN A 45 -8.45 -13.28 13.05
N TYR A 46 -9.12 -14.44 12.94
CA TYR A 46 -8.93 -15.61 13.85
C TYR A 46 -9.41 -15.26 15.27
N LYS A 47 -10.68 -14.98 15.38
CA LYS A 47 -11.27 -14.60 16.67
C LYS A 47 -10.87 -15.45 17.89
N SER A 48 -10.53 -16.72 17.70
CA SER A 48 -10.35 -17.57 18.90
C SER A 48 -9.02 -17.40 19.63
N TRP A 49 -8.01 -16.77 19.03
CA TRP A 49 -6.73 -16.59 19.76
C TRP A 49 -6.61 -15.11 20.19
N LYS A 50 -6.81 -14.88 21.48
CA LYS A 50 -6.65 -13.55 22.11
C LYS A 50 -7.55 -12.54 21.45
N GLY A 51 -8.73 -13.02 21.08
CA GLY A 51 -9.77 -12.24 20.52
C GLY A 51 -9.56 -11.94 19.04
N GLY A 52 -8.45 -12.40 18.49
CA GLY A 52 -8.10 -12.09 17.10
C GLY A 52 -6.96 -11.11 16.95
N GLY A 53 -6.28 -11.21 15.81
CA GLY A 53 -5.28 -10.23 15.43
C GLY A 53 -5.86 -9.06 14.70
N ILE A 54 -5.59 -7.87 15.21
CA ILE A 54 -6.09 -6.67 14.58
C ILE A 54 -5.34 -6.39 13.26
N ILE A 55 -6.07 -6.25 12.14
CA ILE A 55 -5.38 -5.79 10.91
C ILE A 55 -5.72 -4.39 10.40
N ALA A 56 -6.75 -3.78 10.92
CA ALA A 56 -7.04 -2.36 10.57
C ALA A 56 -7.77 -1.67 11.71
N VAL A 57 -7.55 -0.37 11.90
CA VAL A 57 -8.04 0.34 13.08
C VAL A 57 -8.63 1.69 12.66
N SER A 58 -9.84 2.00 13.10
CA SER A 58 -10.49 3.30 12.85
C SER A 58 -9.66 4.43 13.57
N TYR A 59 -9.76 5.61 13.05
CA TYR A 59 -9.13 6.81 13.65
C TYR A 59 -9.69 7.06 15.07
N GLU A 60 -10.95 6.71 15.31
CA GLU A 60 -11.50 6.86 16.62
C GLU A 60 -10.80 5.90 17.57
N ALA A 61 -10.50 4.66 17.15
CA ALA A 61 -9.73 3.73 17.97
C ALA A 61 -8.25 4.07 18.11
N ARG A 62 -7.62 4.64 17.05
CA ARG A 62 -6.22 5.06 17.16
C ARG A 62 -6.01 6.13 18.25
N ALA A 63 -7.01 6.96 18.49
CA ALA A 63 -6.87 8.03 19.47
C ALA A 63 -6.77 7.42 20.92
N PHE A 64 -7.15 6.14 21.12
CA PHE A 64 -6.94 5.37 22.39
C PHE A 64 -5.66 4.55 22.42
N GLY A 65 -4.83 4.68 21.38
CA GLY A 65 -3.60 3.88 21.31
C GLY A 65 -3.69 2.53 20.61
N VAL A 66 -4.84 2.22 20.00
CA VAL A 66 -5.05 0.85 19.44
C VAL A 66 -4.21 0.88 18.13
N THR A 67 -3.44 -0.16 17.89
CA THR A 67 -2.66 -0.30 16.67
C THR A 67 -2.84 -1.63 15.96
N ARG A 68 -2.44 -1.67 14.69
CA ARG A 68 -2.32 -2.91 13.94
C ARG A 68 -1.46 -3.95 14.63
N SER A 69 -1.79 -5.21 14.49
CA SER A 69 -1.05 -6.25 15.13
C SER A 69 -1.13 -6.30 16.65
N MET A 70 -1.97 -5.53 17.29
CA MET A 70 -2.34 -5.81 18.65
C MET A 70 -3.30 -6.99 18.60
N TRP A 71 -3.29 -7.83 19.60
CA TRP A 71 -4.38 -8.75 19.81
C TRP A 71 -5.63 -7.96 20.29
N ALA A 72 -6.81 -8.29 19.81
CA ALA A 72 -8.03 -7.61 20.24
C ALA A 72 -8.21 -7.60 21.76
N ASP A 73 -7.84 -8.69 22.42
CA ASP A 73 -7.97 -8.75 23.90
C ASP A 73 -7.18 -7.61 24.53
N ASP A 74 -6.03 -7.37 23.98
CA ASP A 74 -5.16 -6.32 24.45
C ASP A 74 -5.70 -4.94 24.08
N ALA A 75 -6.11 -4.78 22.83
CA ALA A 75 -6.67 -3.50 22.37
C ALA A 75 -7.87 -3.09 23.26
N LYS A 76 -8.65 -4.08 23.71
CA LYS A 76 -9.81 -3.86 24.60
C LYS A 76 -9.41 -3.26 25.98
N LYS A 77 -8.17 -3.53 26.42
CA LYS A 77 -7.63 -2.97 27.66
C LYS A 77 -7.39 -1.44 27.47
N LEU A 78 -7.04 -0.97 26.26
CA LEU A 78 -6.90 0.48 26.02
C LEU A 78 -8.21 1.16 25.70
N CYS A 79 -9.09 0.43 25.04
CA CYS A 79 -10.37 0.92 24.55
C CYS A 79 -11.50 -0.13 24.83
N PRO A 80 -12.12 -0.06 26.03
CA PRO A 80 -13.08 -1.15 26.37
C PRO A 80 -14.35 -1.17 25.50
N ASP A 81 -14.72 -0.02 24.96
CA ASP A 81 -15.83 0.08 23.97
C ASP A 81 -15.49 -0.24 22.50
N LEU A 82 -14.32 -0.81 22.26
CA LEU A 82 -13.87 -0.98 20.87
C LEU A 82 -14.81 -2.00 20.22
N LEU A 83 -15.29 -1.66 19.05
CA LEU A 83 -16.09 -2.60 18.31
C LEU A 83 -15.23 -3.33 17.29
N LEU A 84 -15.60 -4.58 16.97
CA LEU A 84 -14.83 -5.45 16.09
C LEU A 84 -15.71 -6.02 14.95
N ALA A 85 -15.10 -6.14 13.77
CA ALA A 85 -15.65 -6.86 12.66
C ALA A 85 -14.60 -7.92 12.32
N GLN A 86 -15.06 -9.14 12.03
CA GLN A 86 -14.18 -10.27 11.77
C GLN A 86 -13.99 -10.52 10.28
N VAL A 87 -12.74 -10.73 9.86
CA VAL A 87 -12.51 -11.17 8.49
C VAL A 87 -13.24 -12.52 8.28
N ARG A 88 -13.76 -12.67 7.09
CA ARG A 88 -14.40 -13.90 6.72
C ARG A 88 -13.44 -15.08 6.81
N GLU A 89 -13.94 -16.23 7.26
CA GLU A 89 -13.13 -17.44 7.33
C GLU A 89 -13.74 -18.46 6.42
N SER A 90 -12.91 -19.11 5.61
CA SER A 90 -13.30 -20.13 4.64
C SER A 90 -12.21 -21.18 4.55
N ARG A 91 -12.64 -22.42 4.66
CA ARG A 91 -11.76 -23.55 4.69
C ARG A 91 -10.67 -23.44 5.71
N GLY A 92 -10.99 -22.85 6.86
CA GLY A 92 -10.07 -22.66 7.97
C GLY A 92 -9.04 -21.57 7.81
N LYS A 93 -9.28 -20.68 6.87
CA LYS A 93 -8.42 -19.57 6.73
C LYS A 93 -9.13 -18.27 6.47
N ALA A 94 -8.43 -17.19 6.84
CA ALA A 94 -8.87 -15.85 6.56
C ALA A 94 -9.01 -15.72 5.05
N ASN A 95 -10.12 -15.12 4.64
CA ASN A 95 -10.45 -14.92 3.23
C ASN A 95 -10.73 -13.42 3.00
N LEU A 96 -9.93 -12.83 2.15
CA LEU A 96 -9.91 -11.37 1.99
C LEU A 96 -10.78 -10.89 0.85
N THR A 97 -11.67 -11.76 0.37
CA THR A 97 -12.45 -11.46 -0.87
C THR A 97 -13.22 -10.16 -0.79
N LYS A 98 -13.89 -9.85 0.32
CA LYS A 98 -14.71 -8.67 0.41
C LYS A 98 -13.83 -7.41 0.22
N TYR A 99 -12.56 -7.42 0.64
CA TYR A 99 -11.68 -6.26 0.56
C TYR A 99 -11.05 -6.14 -0.82
N ARG A 100 -10.79 -7.28 -1.48
CA ARG A 100 -10.33 -7.20 -2.88
C ARG A 100 -11.44 -6.61 -3.81
N GLU A 101 -12.67 -7.02 -3.57
CA GLU A 101 -13.80 -6.52 -4.39
C GLU A 101 -14.01 -5.07 -4.14
N ALA A 102 -13.96 -4.66 -2.86
CA ALA A 102 -14.09 -3.26 -2.55
C ALA A 102 -12.97 -2.44 -3.23
N SER A 103 -11.77 -3.00 -3.23
CA SER A 103 -10.59 -2.42 -3.92
C SER A 103 -10.88 -2.18 -5.40
N VAL A 104 -11.48 -3.19 -6.04
CA VAL A 104 -11.84 -3.06 -7.45
C VAL A 104 -12.78 -1.90 -7.65
N GLU A 105 -13.72 -1.70 -6.73
CA GLU A 105 -14.59 -0.55 -6.86
C GLU A 105 -13.80 0.76 -6.96
N VAL A 106 -12.78 0.85 -6.14
CA VAL A 106 -12.02 2.10 -6.03
C VAL A 106 -11.10 2.31 -7.26
N MET A 107 -10.48 1.23 -7.67
CA MET A 107 -9.49 1.28 -8.77
C MET A 107 -10.17 1.60 -10.07
N GLU A 108 -11.35 1.06 -10.27
CA GLU A 108 -12.13 1.34 -11.49
C GLU A 108 -12.49 2.81 -11.62
N ILE A 109 -12.87 3.43 -10.51
CA ILE A 109 -13.12 4.92 -10.51
C ILE A 109 -11.88 5.71 -10.84
N MET A 110 -10.76 5.47 -10.17
CA MET A 110 -9.53 6.21 -10.48
C MET A 110 -9.09 6.03 -11.94
N SER A 111 -9.30 4.83 -12.49
CA SER A 111 -8.79 4.53 -13.80
C SER A 111 -9.63 5.26 -14.84
N ARG A 112 -10.76 5.87 -14.46
CA ARG A 112 -11.48 6.82 -15.38
C ARG A 112 -10.70 8.12 -15.63
N PHE A 113 -9.94 8.53 -14.64
CA PHE A 113 -9.16 9.77 -14.73
C PHE A 113 -7.84 9.65 -15.49
N ALA A 114 -7.15 8.52 -15.38
CA ALA A 114 -5.76 8.46 -15.80
C ALA A 114 -5.25 7.08 -15.68
N VAL A 115 -4.07 6.84 -16.19
CA VAL A 115 -3.40 5.56 -15.95
C VAL A 115 -2.96 5.44 -14.47
N ILE A 116 -3.31 4.30 -13.88
CA ILE A 116 -2.93 3.95 -12.48
C ILE A 116 -2.06 2.74 -12.44
N GLU A 117 -1.23 2.73 -11.39
CA GLU A 117 -0.43 1.63 -10.98
C GLU A 117 -1.05 1.25 -9.65
N ARG A 118 -1.70 0.10 -9.62
CA ARG A 118 -2.21 -0.49 -8.37
C ARG A 118 -1.03 -0.85 -7.52
N ALA A 119 -0.85 -0.15 -6.40
CA ALA A 119 0.32 -0.40 -5.55
C ALA A 119 0.05 -1.27 -4.36
N SER A 120 -1.21 -1.38 -3.96
CA SER A 120 -1.61 -2.25 -2.87
C SER A 120 -3.11 -2.46 -3.01
N ILE A 121 -3.69 -3.25 -2.12
CA ILE A 121 -5.14 -3.38 -2.08
C ILE A 121 -5.86 -2.06 -1.87
N ASP A 122 -5.18 -1.05 -1.25
CA ASP A 122 -5.90 0.20 -0.97
C ASP A 122 -5.26 1.48 -1.49
N GLU A 123 -4.32 1.37 -2.42
CA GLU A 123 -3.72 2.54 -3.02
C GLU A 123 -3.18 2.32 -4.43
N ALA A 124 -3.12 3.45 -5.13
CA ALA A 124 -2.75 3.53 -6.52
C ALA A 124 -2.04 4.85 -6.77
N TYR A 125 -1.02 4.80 -7.62
CA TYR A 125 -0.40 5.96 -8.14
C TYR A 125 -1.08 6.31 -9.44
N VAL A 126 -1.07 7.60 -9.70
CA VAL A 126 -1.74 8.20 -10.86
C VAL A 126 -0.72 9.08 -11.51
N ASP A 127 -0.42 8.84 -12.78
CA ASP A 127 0.30 9.81 -13.55
C ASP A 127 -0.66 10.85 -14.19
N LEU A 128 -0.67 12.05 -13.64
CA LEU A 128 -1.60 13.09 -14.08
C LEU A 128 -1.00 14.09 -15.10
N THR A 129 0.23 13.85 -15.51
CA THR A 129 0.96 14.85 -16.33
C THR A 129 0.09 15.27 -17.53
N SER A 130 -0.47 14.31 -18.29
CA SER A 130 -1.32 14.69 -19.47
C SER A 130 -2.61 15.33 -19.04
N ALA A 131 -3.29 14.72 -18.06
CA ALA A 131 -4.57 15.27 -17.62
C ALA A 131 -4.38 16.74 -17.21
N VAL A 132 -3.20 17.06 -16.64
CA VAL A 132 -2.93 18.44 -16.28
C VAL A 132 -2.75 19.37 -17.53
N GLN A 133 -2.00 18.92 -18.53
CA GLN A 133 -1.76 19.77 -19.72
C GLN A 133 -3.12 20.09 -20.29
N GLU A 134 -3.96 19.06 -20.41
CA GLU A 134 -5.31 19.21 -20.99
C GLU A 134 -6.23 20.10 -20.13
N ARG A 135 -6.04 20.10 -18.82
CA ARG A 135 -6.92 20.88 -17.97
C ARG A 135 -6.41 22.33 -18.05
N LEU A 136 -5.08 22.53 -18.08
CA LEU A 136 -4.47 23.86 -18.29
C LEU A 136 -4.85 24.53 -19.62
N GLN A 137 -5.16 23.76 -20.66
CA GLN A 137 -5.63 24.33 -21.93
C GLN A 137 -7.13 24.66 -21.85
N LYS A 138 -7.87 23.95 -20.99
CA LYS A 138 -9.32 24.16 -20.86
C LYS A 138 -9.67 25.44 -20.13
N LEU A 139 -9.04 25.69 -18.97
CA LEU A 139 -9.15 26.99 -18.34
C LEU A 139 -8.02 27.76 -18.96
N GLN A 140 -8.36 28.66 -19.89
CA GLN A 140 -7.35 29.50 -20.50
C GLN A 140 -7.06 30.67 -19.57
N GLY A 141 -5.81 30.78 -19.10
CA GLY A 141 -5.32 31.90 -18.24
C GLY A 141 -6.11 32.27 -16.99
N GLN A 142 -7.09 31.42 -16.68
CA GLN A 142 -8.17 31.72 -15.74
C GLN A 142 -7.80 31.13 -14.38
N PRO A 143 -7.92 31.92 -13.30
CA PRO A 143 -7.20 31.58 -12.08
C PRO A 143 -7.87 30.45 -11.32
N ILE A 144 -7.20 30.02 -10.26
CA ILE A 144 -7.63 28.89 -9.49
C ILE A 144 -7.99 29.35 -8.14
N SER A 145 -9.30 29.28 -7.91
CA SER A 145 -9.96 29.59 -6.67
C SER A 145 -9.65 28.54 -5.56
N ALA A 146 -9.55 28.99 -4.32
CA ALA A 146 -9.41 28.11 -3.21
C ALA A 146 -10.55 27.06 -3.10
N ASP A 147 -11.74 27.45 -3.62
CA ASP A 147 -12.93 26.63 -3.58
C ASP A 147 -12.73 25.31 -4.38
N LEU A 148 -11.84 25.34 -5.39
CA LEU A 148 -11.49 24.11 -6.12
C LEU A 148 -10.55 23.15 -5.33
N LEU A 149 -10.09 23.59 -4.15
CA LEU A 149 -9.10 22.81 -3.35
C LEU A 149 -9.55 22.72 -1.88
N PRO A 150 -10.80 22.26 -1.68
CA PRO A 150 -11.44 22.38 -0.36
C PRO A 150 -10.82 21.48 0.68
N SER A 151 -9.95 20.51 0.26
CA SER A 151 -9.34 19.63 1.22
C SER A 151 -7.82 19.48 1.12
N THR A 152 -7.20 20.43 0.42
CA THR A 152 -5.81 20.37 0.11
C THR A 152 -5.00 21.16 1.13
N TYR A 153 -3.91 20.55 1.60
CA TYR A 153 -2.84 21.21 2.41
C TYR A 153 -1.62 21.45 1.52
N ILE A 154 -1.03 22.60 1.63
CA ILE A 154 0.24 22.89 0.91
C ILE A 154 1.33 22.72 1.94
N GLU A 155 2.16 21.68 1.74
CA GLU A 155 3.16 21.35 2.72
C GLU A 155 4.20 22.49 2.80
N GLY A 156 4.51 22.91 4.05
CA GLY A 156 5.48 24.00 4.34
C GLY A 156 4.82 25.38 4.42
N LEU A 157 3.54 25.47 4.14
CA LEU A 157 2.76 26.71 4.34
C LEU A 157 1.67 26.52 5.36
N PRO A 158 1.22 27.61 6.04
CA PRO A 158 1.70 28.97 5.83
C PRO A 158 3.03 29.24 6.53
N GLN A 159 3.69 30.30 6.09
CA GLN A 159 4.94 30.70 6.66
C GLN A 159 4.84 32.19 6.77
N GLY A 160 5.66 32.76 7.66
CA GLY A 160 5.96 34.18 7.67
C GLY A 160 4.97 34.95 8.52
N PRO A 161 4.83 36.27 8.27
CA PRO A 161 3.75 37.04 8.86
C PRO A 161 2.70 37.40 7.80
N GLU A 165 -6.08 34.80 15.85
CA GLU A 165 -7.09 33.76 15.77
C GLU A 165 -6.79 32.69 14.65
N GLU A 166 -7.57 32.70 13.56
CA GLU A 166 -7.76 31.58 12.58
C GLU A 166 -6.79 30.41 12.70
N THR A 167 -5.49 30.71 12.49
CA THR A 167 -4.40 29.70 12.58
C THR A 167 -4.21 28.98 13.96
N VAL A 168 -5.03 29.23 14.97
CA VAL A 168 -5.00 28.31 16.11
C VAL A 168 -5.79 27.01 15.84
N GLN A 169 -6.65 27.03 14.80
CA GLN A 169 -7.42 25.84 14.33
C GLN A 169 -6.78 25.24 13.05
N LYS A 170 -6.95 23.92 12.88
CA LYS A 170 -6.26 23.21 11.83
C LYS A 170 -6.82 23.70 10.49
N GLU A 171 -8.12 23.91 10.41
CA GLU A 171 -8.73 24.35 9.15
C GLU A 171 -8.31 25.80 8.83
N GLY A 172 -8.14 26.65 9.85
CA GLY A 172 -7.56 27.99 9.65
C GLY A 172 -6.14 27.97 9.08
N MET A 173 -5.22 27.18 9.66
CA MET A 173 -3.86 26.99 9.06
C MET A 173 -3.97 26.47 7.61
N ARG A 174 -4.79 25.43 7.39
CA ARG A 174 -4.86 24.85 6.04
C ARG A 174 -5.14 25.96 5.07
N LYS A 175 -6.18 26.75 5.36
CA LYS A 175 -6.63 27.83 4.47
C LYS A 175 -5.56 28.90 4.23
N GLN A 176 -4.92 29.35 5.31
CA GLN A 176 -3.93 30.42 5.17
C GLN A 176 -2.81 29.95 4.28
N GLY A 177 -2.42 28.68 4.39
CA GLY A 177 -1.34 28.16 3.57
C GLY A 177 -1.74 28.09 2.12
N LEU A 178 -2.95 27.59 1.89
CA LEU A 178 -3.49 27.50 0.56
C LEU A 178 -3.60 28.91 -0.06
N PHE A 179 -4.11 29.84 0.73
CA PHE A 179 -4.18 31.21 0.26
C PHE A 179 -2.78 31.73 -0.10
N GLN A 180 -1.80 31.57 0.79
CA GLN A 180 -0.45 32.05 0.44
C GLN A 180 -0.02 31.37 -0.83
N TRP A 181 -0.32 30.08 -0.99
CA TRP A 181 0.19 29.39 -2.21
C TRP A 181 -0.47 29.95 -3.46
N LEU A 182 -1.77 30.09 -3.42
CA LEU A 182 -2.49 30.56 -4.59
C LEU A 182 -2.13 32.02 -4.90
N ASP A 183 -2.05 32.85 -3.87
CA ASP A 183 -1.74 34.29 -4.08
C ASP A 183 -0.46 34.38 -4.85
N SER A 184 0.48 33.46 -4.61
CA SER A 184 1.74 33.60 -5.27
C SER A 184 1.89 32.78 -6.55
N LEU A 185 0.90 32.00 -6.97
CA LEU A 185 1.03 31.27 -8.25
C LEU A 185 1.09 32.08 -9.55
N GLN A 186 2.05 31.76 -10.43
CA GLN A 186 2.16 32.36 -11.78
C GLN A 186 1.32 31.60 -12.85
N ILE A 187 0.01 31.90 -12.88
CA ILE A 187 -1.00 31.21 -13.76
C ILE A 187 -0.93 31.47 -15.27
N ASP A 188 -0.29 32.57 -15.67
CA ASP A 188 -0.11 32.91 -17.07
C ASP A 188 1.07 32.16 -17.70
N ASN A 189 1.64 31.23 -16.94
CA ASN A 189 2.80 30.47 -17.38
C ASN A 189 2.52 28.97 -17.24
N LEU A 190 2.09 28.36 -18.35
CA LEU A 190 1.63 26.94 -18.39
C LEU A 190 2.73 25.86 -18.13
N THR A 191 4.00 26.25 -18.21
CA THR A 191 5.11 25.33 -17.92
C THR A 191 5.56 25.29 -16.43
N SER A 192 5.11 26.18 -15.58
CA SER A 192 5.59 26.17 -14.13
C SER A 192 5.23 24.84 -13.45
N PRO A 193 6.23 24.14 -12.86
CA PRO A 193 5.96 22.91 -12.12
C PRO A 193 4.92 23.10 -11.00
N ASP A 194 4.96 24.24 -10.31
CA ASP A 194 4.05 24.53 -9.20
C ASP A 194 2.60 24.66 -9.68
N LEU A 195 2.43 25.35 -10.81
CA LEU A 195 1.14 25.45 -11.37
C LEU A 195 0.60 24.05 -11.75
N GLN A 196 1.43 23.24 -12.42
CA GLN A 196 1.06 21.87 -12.81
C GLN A 196 0.58 21.03 -11.60
N LEU A 197 1.35 21.08 -10.49
CA LEU A 197 0.96 20.46 -9.24
C LEU A 197 -0.40 20.95 -8.74
N THR A 198 -0.66 22.26 -8.83
CA THR A 198 -1.91 22.85 -8.36
C THR A 198 -3.07 22.28 -9.17
N VAL A 199 -2.89 22.18 -10.48
CA VAL A 199 -3.97 21.67 -11.32
C VAL A 199 -4.07 20.19 -11.03
N GLY A 200 -2.93 19.53 -10.81
CA GLY A 200 -2.97 18.10 -10.36
C GLY A 200 -3.84 17.96 -9.16
N ALA A 201 -3.72 18.89 -8.20
CA ALA A 201 -4.46 18.76 -6.95
C ALA A 201 -5.98 18.95 -7.15
N VAL A 202 -6.31 19.85 -8.04
CA VAL A 202 -7.70 20.08 -8.44
C VAL A 202 -8.26 18.79 -8.93
N ILE A 203 -7.51 18.12 -9.81
CA ILE A 203 -8.00 16.84 -10.39
C ILE A 203 -8.19 15.77 -9.28
N VAL A 204 -7.26 15.77 -8.32
CA VAL A 204 -7.32 14.77 -7.26
C VAL A 204 -8.45 14.99 -6.28
N GLU A 205 -8.79 16.25 -6.07
CA GLU A 205 -10.09 16.59 -5.38
C GLU A 205 -11.33 15.95 -6.05
N GLU A 206 -11.39 16.08 -7.36
CA GLU A 206 -12.49 15.52 -8.16
C GLU A 206 -12.49 13.97 -8.08
N MET A 207 -11.32 13.34 -8.16
CA MET A 207 -11.11 11.91 -8.03
C MET A 207 -11.51 11.46 -6.65
N ARG A 208 -11.07 12.17 -5.60
CA ARG A 208 -11.45 11.80 -4.23
C ARG A 208 -12.94 11.98 -3.99
N ALA A 209 -13.55 13.02 -4.57
CA ALA A 209 -14.99 13.24 -4.48
C ALA A 209 -15.81 12.13 -5.16
N ALA A 210 -15.35 11.71 -6.32
CA ALA A 210 -15.99 10.60 -7.05
C ALA A 210 -15.90 9.24 -6.27
N ILE A 211 -14.75 8.99 -5.69
CA ILE A 211 -14.54 7.80 -4.92
C ILE A 211 -15.54 7.84 -3.79
N GLU A 212 -15.55 8.93 -3.04
CA GLU A 212 -16.45 8.94 -1.88
C GLU A 212 -17.90 8.87 -2.32
N ARG A 213 -18.24 9.50 -3.45
CA ARG A 213 -19.65 9.59 -3.88
C ARG A 213 -20.12 8.25 -4.32
N GLU A 214 -19.26 7.54 -5.03
CA GLU A 214 -19.59 6.28 -5.66
C GLU A 214 -19.41 5.03 -4.78
N THR A 215 -18.63 5.17 -3.70
CA THR A 215 -18.34 4.03 -2.84
C THR A 215 -18.70 4.19 -1.40
N GLY A 216 -18.86 5.40 -0.94
CA GLY A 216 -18.96 5.72 0.49
C GLY A 216 -17.61 5.70 1.20
N PHE A 217 -16.50 5.49 0.48
CA PHE A 217 -15.17 5.37 1.13
C PHE A 217 -14.47 6.68 1.01
N GLN A 218 -13.91 7.16 2.14
CA GLN A 218 -12.96 8.27 2.22
C GLN A 218 -11.49 7.84 2.05
N CYS A 219 -10.70 8.70 1.44
CA CYS A 219 -9.26 8.52 1.27
C CYS A 219 -8.53 9.83 1.37
N SER A 220 -7.21 9.70 1.37
CA SER A 220 -6.26 10.77 1.38
C SER A 220 -5.42 10.64 0.13
N ALA A 221 -4.73 11.70 -0.25
CA ALA A 221 -3.76 11.63 -1.35
C ALA A 221 -2.62 12.58 -1.17
N GLY A 222 -1.52 12.22 -1.82
CA GLY A 222 -0.39 13.11 -1.99
C GLY A 222 -0.30 13.48 -3.46
N ILE A 223 0.05 14.73 -3.72
CA ILE A 223 0.37 15.19 -5.08
C ILE A 223 1.73 15.75 -5.12
N SER A 224 2.58 15.22 -6.00
CA SER A 224 3.91 15.75 -6.13
C SER A 224 4.50 15.41 -7.50
N HIS A 225 5.84 15.44 -7.64
CA HIS A 225 6.48 15.19 -8.92
C HIS A 225 6.90 13.71 -9.16
N ASN A 226 6.79 12.87 -8.15
CA ASN A 226 7.21 11.49 -8.28
C ASN A 226 6.50 10.63 -7.21
N LYS A 227 6.62 9.34 -7.33
CA LYS A 227 5.94 8.40 -6.45
C LYS A 227 6.34 8.56 -5.00
N VAL A 228 7.64 8.54 -4.73
CA VAL A 228 8.12 8.60 -3.36
C VAL A 228 7.56 9.84 -2.61
N LEU A 229 7.65 11.00 -3.21
CA LEU A 229 7.08 12.23 -2.63
C LEU A 229 5.58 12.21 -2.52
N ALA A 230 4.91 11.67 -3.53
CA ALA A 230 3.48 11.52 -3.49
C ALA A 230 3.04 10.65 -2.32
N LYS A 231 3.68 9.52 -2.13
CA LYS A 231 3.40 8.62 -0.99
C LYS A 231 3.69 9.30 0.36
N LEU A 232 4.83 9.98 0.48
CA LEU A 232 5.13 10.71 1.71
C LEU A 232 4.09 11.77 1.99
N ALA A 233 3.74 12.55 0.99
CA ALA A 233 2.73 13.62 1.14
C ALA A 233 1.36 13.15 1.62
N CYS A 234 0.96 12.01 1.07
CA CYS A 234 -0.34 11.41 1.41
C CYS A 234 -0.53 11.27 2.92
N GLY A 235 0.49 10.72 3.54
CA GLY A 235 0.41 10.46 4.95
C GLY A 235 0.59 11.69 5.80
N LEU A 236 0.89 12.86 5.24
CA LEU A 236 1.12 14.04 6.10
C LEU A 236 -0.16 14.56 6.77
N ASN A 237 -1.32 14.39 6.14
CA ASN A 237 -2.57 14.94 6.68
C ASN A 237 -3.74 13.96 6.58
N LYS A 238 -3.47 12.70 6.78
CA LYS A 238 -4.53 11.71 6.95
C LYS A 238 -5.33 12.01 8.19
N PRO A 239 -6.62 11.72 8.23
CA PRO A 239 -7.48 11.08 7.26
C PRO A 239 -8.23 12.14 6.45
N ASN A 240 -8.75 11.74 5.30
CA ASN A 240 -9.66 12.53 4.51
C ASN A 240 -9.21 13.90 4.03
N ARG A 241 -7.93 14.03 3.70
CA ARG A 241 -7.28 15.25 3.24
C ARG A 241 -6.20 14.91 2.23
N GLN A 242 -5.79 15.88 1.43
CA GLN A 242 -4.77 15.65 0.43
C GLN A 242 -3.70 16.69 0.59
N THR A 243 -2.46 16.31 0.24
CA THR A 243 -1.32 17.12 0.49
C THR A 243 -0.48 17.31 -0.73
N LEU A 244 -0.22 18.58 -1.04
CA LEU A 244 0.66 18.99 -2.12
C LEU A 244 2.06 19.31 -1.64
N VAL A 245 3.04 18.47 -2.09
CA VAL A 245 4.47 18.61 -1.80
C VAL A 245 5.19 19.11 -3.05
N SER A 246 5.48 20.41 -3.07
CA SER A 246 6.12 21.07 -4.27
C SER A 246 7.59 20.75 -4.24
N HIS A 247 8.29 21.02 -5.34
CA HIS A 247 9.76 20.79 -5.37
C HIS A 247 10.47 21.69 -4.34
N GLY A 248 9.99 22.92 -4.25
CA GLY A 248 10.52 23.86 -3.26
C GLY A 248 10.40 23.49 -1.78
N SER A 249 9.36 22.74 -1.40
CA SER A 249 9.16 22.32 -0.03
C SER A 249 10.15 21.33 0.47
N VAL A 250 10.86 20.67 -0.46
CA VAL A 250 11.72 19.53 -0.11
C VAL A 250 12.90 19.79 0.91
N PRO A 251 13.67 20.86 0.71
CA PRO A 251 14.75 21.10 1.68
C PRO A 251 14.30 21.22 3.12
N GLN A 252 13.25 21.97 3.39
CA GLN A 252 12.79 22.10 4.77
C GLN A 252 12.16 20.75 5.19
N LEU A 253 11.33 20.17 4.31
CA LEU A 253 10.67 18.91 4.69
C LEU A 253 11.66 17.82 5.00
N PHE A 254 12.71 17.71 4.18
CA PHE A 254 13.70 16.63 4.33
C PHE A 254 14.69 16.88 5.50
N SER A 255 14.77 18.13 5.95
CA SER A 255 15.77 18.51 6.92
C SER A 255 15.58 17.82 8.28
N GLN A 256 14.31 17.45 8.62
CA GLN A 256 14.00 16.76 9.85
C GLN A 256 13.21 15.46 9.59
N MET A 257 13.32 14.89 8.41
CA MET A 257 12.53 13.73 8.04
C MET A 257 13.40 12.51 8.26
N PRO A 258 13.05 11.64 9.26
CA PRO A 258 13.85 10.38 9.41
C PRO A 258 13.95 9.62 8.09
N ILE A 259 15.14 9.09 7.85
CA ILE A 259 15.41 8.30 6.69
C ILE A 259 14.37 7.18 6.52
N ARG A 260 13.99 6.51 7.63
CA ARG A 260 13.12 5.37 7.54
C ARG A 260 11.74 5.68 7.03
N LYS A 261 11.34 6.96 6.97
CA LYS A 261 10.01 7.31 6.48
C LYS A 261 9.85 7.28 4.99
N ILE A 262 10.97 7.19 4.28
CA ILE A 262 10.93 7.26 2.82
C ILE A 262 10.76 5.85 2.30
N ARG A 263 9.86 5.69 1.32
CA ARG A 263 9.54 4.37 0.78
C ARG A 263 10.84 3.67 0.25
N SER A 264 11.05 2.44 0.75
CA SER A 264 12.19 1.48 0.44
C SER A 264 13.30 1.59 1.44
N LEU A 265 13.26 2.63 2.28
CA LEU A 265 14.29 2.79 3.30
C LEU A 265 13.87 2.43 4.73
N GLY A 266 12.66 1.85 4.88
CA GLY A 266 12.19 1.41 6.19
C GLY A 266 12.91 0.17 6.76
N GLY A 267 13.84 -0.47 6.02
CA GLY A 267 14.37 -1.77 6.46
C GLY A 267 15.86 -1.67 6.64
N LYS A 268 16.56 -2.74 6.29
CA LYS A 268 18.02 -2.82 6.47
C LYS A 268 18.86 -1.75 5.68
N LEU A 269 18.54 -1.54 4.38
CA LEU A 269 19.19 -0.48 3.60
C LEU A 269 19.14 0.86 4.35
N GLY A 270 17.97 1.21 4.88
CA GLY A 270 17.79 2.52 5.53
C GLY A 270 18.62 2.56 6.77
N ALA A 271 18.70 1.42 7.43
CA ALA A 271 19.47 1.30 8.62
C ALA A 271 20.98 1.41 8.33
N SER A 272 21.49 0.83 7.25
CA SER A 272 22.90 0.96 6.83
C SER A 272 23.19 2.37 6.50
N VAL A 273 22.22 3.07 5.87
CA VAL A 273 22.48 4.43 5.48
C VAL A 273 22.77 5.23 6.78
N ILE A 274 21.90 5.07 7.77
CA ILE A 274 22.01 5.80 9.00
C ILE A 274 23.32 5.40 9.70
N GLU A 275 23.56 4.11 9.82
CA GLU A 275 24.75 3.58 10.57
C GLU A 275 26.05 3.90 9.88
N ILE A 276 26.17 3.65 8.59
CA ILE A 276 27.41 3.88 7.92
C ILE A 276 27.72 5.40 7.81
N LEU A 277 26.72 6.21 7.51
CA LEU A 277 27.01 7.62 7.21
C LEU A 277 26.95 8.43 8.47
N GLY A 278 26.29 7.90 9.51
CA GLY A 278 26.28 8.64 10.75
C GLY A 278 25.33 9.83 10.61
N ILE A 279 24.19 9.62 9.93
CA ILE A 279 23.12 10.65 9.83
C ILE A 279 21.76 10.15 10.33
N GLU A 280 20.79 11.04 10.49
CA GLU A 280 19.42 10.66 10.89
C GLU A 280 18.39 11.07 9.83
N TYR A 281 18.68 12.13 9.05
CA TYR A 281 17.62 12.78 8.23
C TYR A 281 17.92 12.75 6.76
N MET A 282 16.84 12.74 5.98
CA MET A 282 16.94 12.57 4.54
C MET A 282 17.78 13.70 3.93
N GLY A 283 17.61 14.89 4.43
CA GLY A 283 18.41 16.01 3.94
C GLY A 283 19.93 15.95 4.11
N GLU A 284 20.40 15.35 5.20
CA GLU A 284 21.81 15.17 5.42
C GLU A 284 22.47 14.34 4.32
N LEU A 285 21.68 13.55 3.58
CA LEU A 285 22.27 12.91 2.42
C LEU A 285 22.88 13.84 1.36
N THR A 286 22.45 15.10 1.29
CA THR A 286 22.94 16.01 0.20
C THR A 286 24.46 16.30 0.32
N GLN A 287 25.05 16.00 1.48
CA GLN A 287 26.43 16.35 1.62
C GLN A 287 27.39 15.38 0.92
N PHE A 288 26.90 14.20 0.50
CA PHE A 288 27.78 13.14 -0.02
C PHE A 288 27.75 13.16 -1.54
N THR A 289 28.86 12.74 -2.18
CA THR A 289 28.90 12.80 -3.66
C THR A 289 28.15 11.54 -4.09
N GLU A 290 27.65 11.53 -5.31
CA GLU A 290 27.06 10.34 -5.87
C GLU A 290 28.03 9.16 -5.76
N SER A 291 29.30 9.36 -6.13
CA SER A 291 30.25 8.25 -6.05
C SER A 291 30.36 7.70 -4.64
N GLN A 292 30.33 8.58 -3.64
CA GLN A 292 30.45 8.15 -2.24
C GLN A 292 29.23 7.30 -1.84
N LEU A 293 28.04 7.72 -2.28
CA LEU A 293 26.84 6.90 -1.94
C LEU A 293 26.92 5.54 -2.66
N GLN A 294 27.26 5.59 -3.93
CA GLN A 294 27.46 4.35 -4.66
C GLN A 294 28.54 3.43 -4.04
N SER A 295 29.59 4.00 -3.47
CA SER A 295 30.61 3.16 -2.81
C SER A 295 30.01 2.35 -1.68
N HIS A 296 29.10 2.93 -0.92
CA HIS A 296 28.59 2.26 0.25
C HIS A 296 27.41 1.39 -0.09
N PHE A 297 26.56 1.85 -0.99
CA PHE A 297 25.24 1.22 -1.13
C PHE A 297 25.00 0.60 -2.49
N GLY A 298 26.00 0.67 -3.36
CA GLY A 298 25.93 0.12 -4.72
C GLY A 298 25.52 1.16 -5.73
N GLU A 299 25.75 0.83 -6.98
CA GLU A 299 25.63 1.77 -8.07
C GLU A 299 24.18 2.29 -8.15
N LYS A 300 23.20 1.39 -8.12
CA LYS A 300 21.77 1.75 -8.24
C LYS A 300 21.22 2.47 -6.98
N ASN A 301 21.43 1.90 -5.83
CA ASN A 301 20.98 2.54 -4.62
C ASN A 301 21.67 3.90 -4.39
N GLY A 302 22.97 4.00 -4.69
CA GLY A 302 23.73 5.24 -4.47
C GLY A 302 23.17 6.36 -5.39
N SER A 303 22.89 6.02 -6.65
CA SER A 303 22.34 6.96 -7.60
C SER A 303 20.95 7.37 -7.18
N TRP A 304 20.15 6.37 -6.77
CA TRP A 304 18.83 6.64 -6.29
C TRP A 304 18.83 7.62 -5.07
N LEU A 305 19.70 7.37 -4.12
CA LEU A 305 19.77 8.18 -2.89
C LEU A 305 20.16 9.58 -3.20
N TYR A 306 21.13 9.72 -4.11
CA TYR A 306 21.67 11.02 -4.43
C TYR A 306 20.58 11.92 -5.03
N ALA A 307 19.83 11.39 -6.00
CA ALA A 307 18.67 12.07 -6.57
C ALA A 307 17.58 12.29 -5.51
N MET A 308 17.24 11.24 -4.82
CA MET A 308 16.06 11.27 -3.94
C MET A 308 16.17 12.26 -2.78
N CYS A 309 17.35 12.37 -2.19
CA CYS A 309 17.54 13.34 -1.08
C CYS A 309 17.37 14.82 -1.56
N ARG A 310 17.39 15.03 -2.87
CA ARG A 310 17.13 16.33 -3.49
C ARG A 310 15.68 16.38 -4.05
N GLY A 311 14.85 15.38 -3.75
CA GLY A 311 13.40 15.41 -4.14
C GLY A 311 13.18 14.83 -5.55
N ILE A 312 14.21 14.19 -6.09
CA ILE A 312 14.17 13.74 -7.49
C ILE A 312 14.15 12.23 -7.53
N GLU A 313 13.17 11.67 -8.23
CA GLU A 313 13.05 10.24 -8.48
C GLU A 313 12.35 9.98 -9.87
N HIS A 314 12.73 8.94 -10.60
CA HIS A 314 12.21 8.72 -11.95
C HIS A 314 11.47 7.42 -12.12
N ASP A 315 11.26 6.66 -11.06
CA ASP A 315 10.56 5.41 -11.17
C ASP A 315 9.16 5.71 -11.83
N PRO A 316 8.80 5.01 -12.92
CA PRO A 316 7.50 5.38 -13.53
C PRO A 316 6.28 4.83 -12.83
N VAL A 317 5.17 5.52 -12.96
CA VAL A 317 3.86 4.98 -12.63
C VAL A 317 3.61 3.92 -13.74
N LYS A 318 3.70 2.66 -13.36
CA LYS A 318 3.51 1.54 -14.31
C LYS A 318 2.04 1.30 -14.62
N PRO A 319 1.69 1.11 -15.89
CA PRO A 319 0.33 0.88 -16.28
C PRO A 319 -0.07 -0.57 -15.97
N ARG A 320 -0.56 -0.79 -14.74
CA ARG A 320 -0.85 -2.11 -14.22
C ARG A 320 -1.91 -1.93 -13.13
N GLN A 321 -3.09 -2.42 -13.38
CA GLN A 321 -4.18 -2.33 -12.42
C GLN A 321 -4.36 -3.68 -11.76
N LEU A 322 -3.89 -4.73 -12.39
CA LEU A 322 -4.08 -6.08 -11.90
C LEU A 322 -2.85 -6.59 -11.15
N PRO A 323 -3.03 -7.32 -10.04
CA PRO A 323 -1.88 -8.09 -9.54
C PRO A 323 -1.30 -9.03 -10.60
N LYS A 324 0.00 -9.31 -10.52
CA LYS A 324 0.76 -10.25 -11.35
C LYS A 324 0.88 -11.69 -10.81
N THR A 325 0.46 -11.86 -9.55
CA THR A 325 0.49 -13.14 -8.89
C THR A 325 -0.76 -13.23 -8.07
N ILE A 326 -1.19 -14.43 -7.74
CA ILE A 326 -2.43 -14.67 -6.94
C ILE A 326 -2.00 -15.77 -5.98
N GLY A 327 -1.97 -15.43 -4.71
CA GLY A 327 -1.43 -16.29 -3.65
C GLY A 327 -2.40 -16.65 -2.56
N CYS A 328 -2.21 -17.83 -1.92
CA CYS A 328 -3.01 -18.28 -0.78
C CYS A 328 -2.03 -18.84 0.19
N SER A 329 -2.02 -18.33 1.43
CA SER A 329 -1.07 -18.87 2.37
C SER A 329 -1.62 -19.04 3.77
N LYS A 330 -1.00 -19.92 4.53
CA LYS A 330 -1.40 -20.14 5.94
C LYS A 330 -0.25 -20.52 6.85
N ASN A 331 -0.14 -19.82 7.99
CA ASN A 331 0.83 -20.13 9.02
C ASN A 331 0.26 -21.23 10.00
N PHE A 332 1.13 -22.09 10.52
CA PHE A 332 0.79 -23.08 11.53
C PHE A 332 1.80 -22.98 12.66
N PRO A 333 1.74 -21.88 13.43
CA PRO A 333 2.74 -21.55 14.44
C PRO A 333 2.87 -22.59 15.57
N GLY A 334 4.08 -22.68 16.14
CA GLY A 334 4.32 -23.38 17.43
C GLY A 334 3.80 -24.79 17.44
N LYS A 335 2.85 -25.06 18.31
CA LYS A 335 2.34 -26.44 18.52
C LYS A 335 1.48 -26.91 17.35
N THR A 336 0.94 -25.99 16.57
CA THR A 336 0.03 -26.34 15.48
C THR A 336 0.75 -26.72 14.17
N ALA A 337 2.08 -26.67 14.16
CA ALA A 337 2.85 -27.00 12.99
C ALA A 337 2.40 -28.35 12.45
N LEU A 338 2.39 -28.52 11.12
CA LEU A 338 1.84 -29.73 10.53
C LEU A 338 2.85 -30.90 10.58
N ALA A 339 2.39 -32.06 11.01
CA ALA A 339 3.35 -33.14 11.37
C ALA A 339 2.99 -34.46 10.80
N THR A 340 1.94 -34.54 10.01
CA THR A 340 1.63 -35.76 9.28
C THR A 340 1.53 -35.45 7.80
N ARG A 341 1.75 -36.48 6.99
CA ARG A 341 1.62 -36.39 5.55
C ARG A 341 0.19 -36.07 5.20
N GLU A 342 -0.74 -36.73 5.86
CA GLU A 342 -2.18 -36.57 5.60
C GLU A 342 -2.70 -35.12 5.82
N GLN A 343 -2.11 -34.50 6.83
CA GLN A 343 -2.53 -33.23 7.35
C GLN A 343 -1.96 -32.15 6.38
N VAL A 344 -0.71 -32.30 6.00
CA VAL A 344 -0.09 -31.46 5.00
C VAL A 344 -0.92 -31.47 3.71
N GLN A 345 -1.38 -32.64 3.29
CA GLN A 345 -2.13 -32.82 2.06
C GLN A 345 -3.45 -32.11 2.15
N TRP A 346 -4.12 -32.26 3.31
CA TRP A 346 -5.46 -31.67 3.51
C TRP A 346 -5.39 -30.13 3.40
N TRP A 347 -4.41 -29.55 4.04
CA TRP A 347 -4.25 -28.08 4.01
C TRP A 347 -3.84 -27.62 2.59
N LEU A 348 -2.95 -28.37 1.94
CA LEU A 348 -2.58 -28.02 0.54
C LEU A 348 -3.84 -27.97 -0.29
N LEU A 349 -4.74 -28.92 -0.05
CA LEU A 349 -6.02 -28.94 -0.70
C LEU A 349 -6.94 -27.73 -0.37
N GLN A 350 -7.02 -27.33 0.90
CA GLN A 350 -7.82 -26.13 1.24
C GLN A 350 -7.26 -24.90 0.46
N LEU A 351 -5.93 -24.73 0.53
CA LEU A 351 -5.27 -23.62 -0.20
C LEU A 351 -5.57 -23.69 -1.68
N ALA A 352 -5.51 -24.90 -2.23
CA ALA A 352 -5.72 -25.09 -3.66
C ALA A 352 -7.13 -24.81 -4.08
N GLN A 353 -8.09 -25.13 -3.22
CA GLN A 353 -9.47 -24.80 -3.52
C GLN A 353 -9.77 -23.30 -3.53
N GLU A 354 -9.18 -22.57 -2.61
CA GLU A 354 -9.49 -21.11 -2.60
C GLU A 354 -8.83 -20.56 -3.87
N LEU A 355 -7.63 -21.04 -4.16
CA LEU A 355 -6.82 -20.48 -5.27
C LEU A 355 -7.55 -20.70 -6.58
N GLU A 356 -8.06 -21.92 -6.72
CA GLU A 356 -8.88 -22.29 -7.86
C GLU A 356 -10.07 -21.36 -8.11
N GLU A 357 -10.83 -21.06 -7.06
CA GLU A 357 -11.92 -20.11 -7.19
C GLU A 357 -11.46 -18.73 -7.61
N ARG A 358 -10.43 -18.23 -6.94
CA ARG A 358 -9.83 -16.96 -7.34
C ARG A 358 -9.27 -17.00 -8.77
N LEU A 359 -8.65 -18.09 -9.20
CA LEU A 359 -8.16 -18.14 -10.60
C LEU A 359 -9.26 -18.15 -11.67
N THR A 360 -10.31 -18.94 -11.47
CA THR A 360 -11.45 -18.99 -12.39
C THR A 360 -12.10 -17.63 -12.53
N LYS A 361 -12.28 -16.96 -11.40
CA LYS A 361 -12.80 -15.59 -11.43
C LYS A 361 -11.85 -14.65 -12.23
N ASP A 362 -10.57 -14.74 -11.94
CA ASP A 362 -9.57 -13.95 -12.64
C ASP A 362 -9.63 -14.22 -14.15
N ARG A 363 -9.65 -15.49 -14.53
CA ARG A 363 -9.77 -15.82 -15.95
C ARG A 363 -11.01 -15.21 -16.65
N ASN A 364 -12.19 -15.26 -16.03
CA ASN A 364 -13.40 -14.61 -16.61
C ASN A 364 -13.38 -13.09 -16.60
N ASP A 365 -12.82 -12.54 -15.52
CA ASP A 365 -12.83 -11.10 -15.36
C ASP A 365 -11.79 -10.49 -16.31
N ASN A 366 -10.62 -11.08 -16.41
CA ASN A 366 -9.44 -10.37 -16.84
C ASN A 366 -8.79 -11.02 -18.01
N ASP A 367 -9.41 -12.04 -18.60
CA ASP A 367 -8.93 -12.55 -19.88
C ASP A 367 -7.48 -12.94 -19.86
N ARG A 368 -7.11 -13.77 -18.88
CA ARG A 368 -5.79 -14.34 -18.80
C ARG A 368 -5.83 -15.60 -17.99
N VAL A 369 -4.76 -16.41 -18.10
CA VAL A 369 -4.56 -17.61 -17.32
C VAL A 369 -3.14 -17.63 -16.79
N ALA A 370 -3.04 -18.16 -15.57
CA ALA A 370 -1.73 -18.44 -14.95
C ALA A 370 -1.16 -19.73 -15.53
N THR A 371 0.17 -19.80 -15.69
CA THR A 371 0.81 -20.96 -16.23
C THR A 371 1.82 -21.64 -15.31
N GLN A 372 2.16 -21.01 -14.17
CA GLN A 372 3.07 -21.63 -13.22
C GLN A 372 2.53 -21.62 -11.80
N LEU A 373 2.78 -22.70 -11.07
CA LEU A 373 2.31 -22.84 -9.68
C LEU A 373 3.58 -22.84 -8.81
N VAL A 374 3.65 -21.94 -7.84
CA VAL A 374 4.77 -21.87 -6.92
C VAL A 374 4.34 -22.39 -5.54
N VAL A 375 5.12 -23.31 -4.95
CA VAL A 375 4.86 -23.87 -3.65
C VAL A 375 5.99 -23.43 -2.75
N SER A 376 5.62 -22.94 -1.58
CA SER A 376 6.55 -22.49 -0.60
C SER A 376 6.14 -23.07 0.76
N ILE A 377 7.14 -23.34 1.59
CA ILE A 377 6.93 -23.87 2.93
C ILE A 377 7.91 -23.30 3.91
N ARG A 378 7.54 -23.40 5.19
CA ARG A 378 8.51 -23.12 6.22
C ARG A 378 8.51 -24.33 7.12
N VAL A 379 9.71 -24.74 7.54
CA VAL A 379 9.85 -25.86 8.49
C VAL A 379 10.07 -25.29 9.88
N GLN A 380 9.56 -25.96 10.91
CA GLN A 380 9.80 -25.50 12.30
C GLN A 380 11.29 -25.49 12.51
N GLY A 381 11.80 -24.41 13.10
CA GLY A 381 13.23 -24.30 13.29
C GLY A 381 13.88 -23.26 12.41
N ASP A 382 13.45 -23.19 11.15
CA ASP A 382 14.01 -22.20 10.21
C ASP A 382 13.72 -20.78 10.69
N LYS A 383 14.69 -19.90 10.54
CA LYS A 383 14.62 -18.48 10.92
C LYS A 383 14.03 -17.62 9.80
N ARG A 384 14.08 -18.15 8.58
CA ARG A 384 13.65 -17.41 7.40
C ARG A 384 12.15 -17.57 7.18
N LEU A 385 11.51 -16.53 6.66
CA LEU A 385 10.08 -16.56 6.36
C LEU A 385 9.74 -17.73 5.47
N SER A 386 10.66 -18.08 4.57
CA SER A 386 10.44 -19.23 3.73
C SER A 386 11.64 -20.10 3.89
N SER A 387 11.38 -21.38 4.10
CA SER A 387 12.43 -22.36 4.10
C SER A 387 12.73 -22.69 2.65
N LEU A 388 11.76 -22.53 1.75
CA LEU A 388 11.86 -23.24 0.47
C LEU A 388 10.73 -23.02 -0.51
N ARG A 389 11.15 -22.75 -1.75
CA ARG A 389 10.24 -22.53 -2.86
C ARG A 389 10.56 -23.50 -4.01
N ARG A 390 9.53 -24.10 -4.56
CA ARG A 390 9.63 -24.93 -5.74
C ARG A 390 8.46 -24.61 -6.69
N CYS A 391 8.54 -25.02 -7.93
CA CYS A 391 7.53 -24.58 -8.88
C CYS A 391 7.22 -25.68 -9.86
N CYS A 392 6.03 -25.62 -10.42
CA CYS A 392 5.67 -26.55 -11.47
C CYS A 392 4.68 -25.90 -12.40
N ALA A 393 4.32 -26.63 -13.46
CA ALA A 393 3.40 -26.16 -14.45
C ALA A 393 2.05 -26.10 -13.86
N LEU A 394 1.33 -25.04 -14.21
CA LEU A 394 -0.09 -24.91 -13.88
C LEU A 394 -0.86 -25.02 -15.17
N THR A 395 -1.29 -26.24 -15.47
CA THR A 395 -1.95 -26.53 -16.75
C THR A 395 -3.50 -26.57 -16.67
N ARG A 396 -4.04 -26.71 -15.47
CA ARG A 396 -5.49 -26.81 -15.29
C ARG A 396 -5.86 -26.21 -13.91
N TYR A 397 -6.85 -25.36 -13.94
CA TYR A 397 -7.39 -24.76 -12.76
C TYR A 397 -8.20 -25.85 -12.07
N ASP A 398 -7.48 -26.75 -11.40
CA ASP A 398 -8.04 -27.91 -10.74
C ASP A 398 -7.43 -28.12 -9.36
N ALA A 399 -8.23 -27.95 -8.32
CA ALA A 399 -7.65 -27.89 -7.00
C ALA A 399 -6.97 -29.17 -6.58
N HIS A 400 -7.53 -30.33 -6.93
CA HIS A 400 -6.88 -31.63 -6.58
C HIS A 400 -5.59 -31.80 -7.30
N LYS A 401 -5.58 -31.45 -8.58
CA LYS A 401 -4.28 -31.51 -9.35
C LYS A 401 -3.23 -30.57 -8.74
N MET A 402 -3.66 -29.33 -8.56
CA MET A 402 -2.78 -28.32 -7.97
C MET A 402 -2.28 -28.80 -6.62
N SER A 403 -3.18 -29.30 -5.75
CA SER A 403 -2.72 -29.87 -4.44
C SER A 403 -1.78 -31.08 -4.55
N HIS A 404 -2.15 -32.04 -5.40
CA HIS A 404 -1.27 -33.19 -5.63
C HIS A 404 0.08 -32.75 -6.23
N ASP A 405 0.10 -31.86 -7.25
CA ASP A 405 1.41 -31.36 -7.77
C ASP A 405 2.28 -30.66 -6.73
N ALA A 406 1.66 -29.82 -5.88
CA ALA A 406 2.41 -29.11 -4.84
C ALA A 406 2.93 -30.09 -3.85
N PHE A 407 2.15 -31.11 -3.51
CA PHE A 407 2.72 -32.12 -2.63
C PHE A 407 3.91 -32.86 -3.31
N THR A 408 3.72 -33.28 -4.56
CA THR A 408 4.80 -33.96 -5.30
C THR A 408 6.10 -33.20 -5.25
N VAL A 409 6.00 -31.92 -5.52
CA VAL A 409 7.13 -31.02 -5.47
C VAL A 409 7.81 -30.83 -4.07
N ILE A 410 7.12 -31.04 -2.97
CA ILE A 410 7.75 -30.76 -1.64
C ILE A 410 8.09 -31.96 -0.81
N LYS A 411 7.46 -33.10 -1.11
CA LYS A 411 7.45 -34.31 -0.26
C LYS A 411 8.80 -34.91 0.16
N ASN A 412 9.89 -34.53 -0.53
CA ASN A 412 11.23 -35.01 -0.17
C ASN A 412 11.92 -34.08 0.83
N CYS A 413 11.24 -32.99 1.21
CA CYS A 413 11.67 -32.19 2.36
C CYS A 413 11.36 -32.95 3.63
N ASN A 414 10.67 -34.06 3.51
CA ASN A 414 10.28 -34.81 4.65
C ASN A 414 11.41 -35.75 5.15
N THR A 415 12.11 -35.34 6.24
CA THR A 415 13.11 -36.15 6.98
C THR A 415 12.61 -37.49 7.58
N SER A 416 11.32 -37.59 7.91
CA SER A 416 10.79 -38.82 8.53
C SER A 416 10.70 -40.01 7.56
N GLY A 417 11.43 -41.08 7.89
CA GLY A 417 11.30 -42.37 7.21
C GLY A 417 10.00 -43.11 7.53
N ILE A 418 9.32 -42.75 8.62
CA ILE A 418 8.02 -43.37 8.97
C ILE A 418 7.02 -43.15 7.84
N GLN A 419 7.14 -41.99 7.19
CA GLN A 419 6.38 -41.65 5.97
C GLN A 419 4.96 -41.15 6.27
N THR A 420 4.30 -41.74 7.28
CA THR A 420 3.07 -41.17 7.85
C THR A 420 3.34 -39.80 8.46
N GLU A 421 4.34 -39.73 9.34
CA GLU A 421 4.79 -38.49 9.96
C GLU A 421 5.57 -37.62 9.00
N TRP A 422 5.61 -36.34 9.37
CA TRP A 422 6.30 -35.33 8.63
C TRP A 422 7.25 -34.56 9.51
N SER A 423 8.53 -34.61 9.20
CA SER A 423 9.50 -33.86 9.96
C SER A 423 10.53 -33.20 9.05
N PRO A 424 11.00 -31.99 9.40
CA PRO A 424 10.48 -31.20 10.55
C PRO A 424 9.02 -30.78 10.31
N PRO A 425 8.29 -30.44 11.40
CA PRO A 425 6.90 -30.04 11.17
C PRO A 425 6.87 -28.74 10.37
N LEU A 426 5.84 -28.58 9.55
CA LEU A 426 5.67 -27.38 8.73
C LEU A 426 4.88 -26.29 9.44
N THR A 427 5.50 -25.11 9.54
CA THR A 427 4.85 -23.93 10.13
C THR A 427 4.27 -22.96 9.08
N MET A 428 4.41 -23.24 7.80
CA MET A 428 3.83 -22.38 6.76
C MET A 428 3.72 -23.15 5.43
N LEU A 429 2.59 -22.93 4.75
CA LEU A 429 2.32 -23.38 3.42
C LEU A 429 1.85 -22.17 2.61
N PHE A 430 2.26 -22.11 1.33
CA PHE A 430 1.96 -21.00 0.45
C PHE A 430 1.82 -21.62 -0.93
N LEU A 431 0.73 -21.30 -1.61
CA LEU A 431 0.57 -21.64 -3.02
C LEU A 431 0.33 -20.36 -3.77
N CYS A 432 1.06 -20.20 -4.86
CA CYS A 432 0.97 -18.97 -5.69
C CYS A 432 0.90 -19.26 -7.20
N ALA A 433 -0.15 -18.78 -7.85
CA ALA A 433 -0.25 -18.78 -9.30
C ALA A 433 0.44 -17.52 -9.89
N THR A 434 1.29 -17.76 -10.88
CA THR A 434 2.11 -16.71 -11.54
C THR A 434 2.26 -17.02 -13.08
N LYS A 435 3.05 -16.18 -13.78
CA LYS A 435 3.35 -16.33 -15.22
C LYS A 435 2.06 -16.40 -16.03
N PHE A 436 1.32 -15.30 -15.94
CA PHE A 436 0.05 -15.14 -16.62
C PHE A 436 0.27 -14.79 -18.06
N SER A 437 -0.56 -15.36 -18.94
CA SER A 437 -0.60 -15.11 -20.38
C SER A 437 -2.03 -14.83 -20.87
N ALA A 438 -2.20 -14.02 -21.93
CA ALA A 438 -3.56 -13.63 -22.37
C ALA A 438 -4.42 -14.85 -22.83
N SER A 439 -5.73 -14.71 -22.75
CA SER A 439 -6.67 -15.69 -23.37
C SER A 439 -8.11 -15.19 -23.27
PG 0KX D . -4.61 4.55 6.68
O1G 0KX D . -3.96 4.23 5.36
O2G 0KX D . -3.63 4.61 7.78
O3G 0KX D . -5.90 5.30 6.92
PB 0KX D . -5.19 1.67 6.44
O1B 0KX D . -5.85 1.93 5.08
O2B 0KX D . -5.97 0.67 7.33
O3B 0KX D . -5.17 3.07 7.24
PA 0KX D . -2.82 0.81 4.93
O1A 0KX D . -1.33 0.57 5.25
O2A 0KX D . -3.23 1.80 3.84
N3A 0KX D . -3.58 1.15 6.35
O5' 0KX D . -3.33 -0.66 4.46
C5' 0KX D . -4.51 -0.88 3.71
C4' 0KX D . -5.18 -2.17 4.25
O4' 0KX D . -4.21 -3.23 4.08
C3' 0KX D . -5.47 -2.10 5.77
O3' 0KX D . -6.79 -1.56 6.03
C2' 0KX D . -5.43 -3.58 6.10
C1' 0KX D . -4.46 -4.19 5.14
N1 0KX D . -3.18 -4.39 5.80
C2 0KX D . -2.91 -5.59 6.33
N3 0KX D . -1.63 -5.75 6.91
C4 0KX D . -0.69 -4.80 7.02
C5 0KX D . -1.00 -3.51 6.53
C6 0KX D . -2.23 -3.38 5.90
O2 0KX D . -3.72 -6.52 6.31
N4 0KX D . 0.42 -5.07 7.67
MG MG E . -4.82 3.14 3.74
MG MG F . -2.15 1.76 1.85
C1 GOL G . 19.05 19.69 5.15
O1 GOL G . 19.81 18.51 5.48
C2 GOL G . 18.40 19.32 3.77
O2 GOL G . 17.00 19.09 3.98
C3 GOL G . 18.80 20.28 2.68
O3 GOL G . 18.35 20.04 1.35
C1 GOL H . -17.69 6.60 6.50
O1 GOL H . -16.46 6.89 5.79
C2 GOL H . -18.18 5.15 6.29
O2 GOL H . -17.25 4.40 5.49
C3 GOL H . -19.61 5.11 5.67
O3 GOL H . -19.60 4.83 4.25
C1 GOL I . -27.99 -6.00 10.53
O1 GOL I . -27.45 -7.16 9.90
C2 GOL I . -26.85 -5.00 10.78
O2 GOL I . -25.60 -5.49 10.24
C3 GOL I . -27.14 -3.65 10.13
O3 GOL I . -26.58 -2.58 10.91
PT 9RD J . 2.97 -9.70 10.67
N1 9RD J . 4.67 -9.10 10.98
N2 9RD J . 3.37 -9.19 8.82
C1 9RD J . 5.41 -8.23 10.05
C2 9RD J . 4.60 -8.21 8.77
C3 9RD J . 5.07 -7.68 7.54
C4 9RD J . 6.20 -6.69 7.72
C5 9RD J . 7.18 -7.00 8.84
C6 9RD J . 6.52 -7.47 10.14
#